data_4JF3
#
_entry.id   4JF3
#
_cell.length_a   43.951
_cell.length_b   43.951
_cell.length_c   81.732
_cell.angle_alpha   90.000
_cell.angle_beta   90.000
_cell.angle_gamma   120.000
#
_symmetry.space_group_name_H-M   'P 3'
#
loop_
_entity.id
_entity.type
_entity.pdbx_description
1 polymer 'Envelope glycoprotein'
2 non-polymer 'CHLORIDE ION'
3 water water
#
_entity_poly.entity_id   1
_entity_poly.type   'polypeptide(L)'
_entity_poly.pdbx_seq_one_letter_code
;GSSTGAAGLGVSITQYTKLSHQLISDVQAISSTIQDLQDQVDSLAEVVLQNRRGLDLLTAEQGGICLALQEKCSFYANKS
GIVRDKIKNLQDDLERRRRQLIDN
;
_entity_poly.pdbx_strand_id   A,B
#
loop_
_chem_comp.id
_chem_comp.type
_chem_comp.name
_chem_comp.formula
CL non-polymer 'CHLORIDE ION' 'Cl -1'
#
# COMPACT_ATOMS: atom_id res chain seq x y z
N THR A 14 -10.31 -15.63 14.26
CA THR A 14 -9.52 -15.41 15.48
C THR A 14 -8.05 -15.25 15.11
N GLN A 15 -7.59 -16.12 14.20
CA GLN A 15 -6.19 -16.11 13.77
C GLN A 15 -5.83 -14.84 13.01
N TYR A 16 -6.65 -14.45 12.05
CA TYR A 16 -6.38 -13.22 11.29
C TYR A 16 -6.35 -11.96 12.16
N THR A 17 -7.29 -11.82 13.10
CA THR A 17 -7.27 -10.64 13.97
C THR A 17 -6.08 -10.72 14.91
N LYS A 18 -5.67 -11.93 15.27
CA LYS A 18 -4.53 -12.05 16.16
C LYS A 18 -3.25 -11.60 15.48
N LEU A 19 -3.05 -12.03 14.24
CA LEU A 19 -1.88 -11.62 13.49
C LEU A 19 -2.01 -10.14 13.15
N SER A 20 -3.22 -9.67 12.88
CA SER A 20 -3.45 -8.24 12.71
C SER A 20 -3.06 -7.47 13.96
N HIS A 21 -3.48 -7.99 15.11
CA HIS A 21 -3.12 -7.36 16.38
C HIS A 21 -1.61 -7.32 16.61
N GLN A 22 -0.95 -8.43 16.29
CA GLN A 22 0.48 -8.52 16.45
C GLN A 22 1.25 -7.53 15.56
N LEU A 23 0.76 -7.35 14.33
CA LEU A 23 1.38 -6.39 13.41
C LEU A 23 1.28 -4.98 13.99
N ILE A 24 0.07 -4.60 14.40
CA ILE A 24 -0.13 -3.29 15.00
C ILE A 24 0.77 -3.08 16.21
N SER A 25 0.81 -4.05 17.12
CA SER A 25 1.67 -3.94 18.30
C SER A 25 3.17 -3.80 17.96
N ASP A 26 3.64 -4.59 17.00
CA ASP A 26 5.04 -4.52 16.60
C ASP A 26 5.38 -3.16 16.00
N VAL A 27 4.53 -2.70 15.09
CA VAL A 27 4.72 -1.40 14.44
C VAL A 27 4.66 -0.26 15.45
N GLN A 28 3.75 -0.34 16.40
CA GLN A 28 3.71 0.64 17.48
C GLN A 28 5.02 0.67 18.27
N ALA A 29 5.52 -0.50 18.66
CA ALA A 29 6.75 -0.57 19.42
C ALA A 29 7.91 -0.04 18.62
N ILE A 30 7.97 -0.43 17.34
CA ILE A 30 9.02 0.08 16.45
C ILE A 30 8.94 1.60 16.31
N SER A 31 7.74 2.11 16.10
CA SER A 31 7.55 3.55 15.93
C SER A 31 8.01 4.36 17.15
N SER A 32 7.76 3.85 18.35
CA SER A 32 8.21 4.56 19.55
C SER A 32 9.74 4.57 19.61
N THR A 33 10.37 3.53 19.08
CA THR A 33 11.83 3.40 19.17
C THR A 33 12.46 4.35 18.16
N ILE A 34 11.84 4.46 17.00
CA ILE A 34 12.27 5.45 16.03
C ILE A 34 12.11 6.86 16.57
N GLN A 35 11.05 7.13 17.33
CA GLN A 35 10.89 8.43 17.96
C GLN A 35 12.04 8.70 18.92
N ASP A 36 12.41 7.67 19.69
CA ASP A 36 13.52 7.76 20.64
C ASP A 36 14.79 8.13 19.93
N LEU A 37 15.01 7.51 18.77
CA LEU A 37 16.23 7.80 18.03
C LEU A 37 16.22 9.24 17.54
N GLN A 38 15.08 9.71 17.01
CA GLN A 38 15.01 11.09 16.55
C GLN A 38 15.16 12.05 17.72
N ASP A 39 14.65 11.68 18.90
CA ASP A 39 14.79 12.50 20.12
C ASP A 39 16.28 12.71 20.44
N GLN A 40 17.05 11.62 20.35
CA GLN A 40 18.47 11.67 20.68
C GLN A 40 19.26 12.43 19.62
N VAL A 41 18.89 12.23 18.36
CA VAL A 41 19.56 12.90 17.25
C VAL A 41 19.35 14.38 17.39
N ASP A 42 18.12 14.78 17.71
CA ASP A 42 17.83 16.21 17.85
C ASP A 42 18.61 16.80 19.02
N SER A 43 18.67 16.06 20.14
CA SER A 43 19.30 16.55 21.33
C SER A 43 20.80 16.67 21.06
N LEU A 44 21.35 15.65 20.42
CA LEU A 44 22.80 15.63 20.18
C LEU A 44 23.15 16.71 19.17
N ALA A 45 22.27 16.92 18.20
CA ALA A 45 22.52 17.92 17.16
C ALA A 45 22.62 19.33 17.73
N GLU A 46 21.83 19.65 18.74
CA GLU A 46 21.93 20.96 19.40
C GLU A 46 23.29 21.15 20.04
N VAL A 47 23.78 20.10 20.70
CA VAL A 47 25.11 20.15 21.29
C VAL A 47 26.21 20.34 20.23
N VAL A 48 26.09 19.58 19.13
CA VAL A 48 27.09 19.62 18.06
C VAL A 48 27.14 20.98 17.38
N LEU A 49 25.96 21.54 17.08
CA LEU A 49 25.94 22.83 16.41
C LEU A 49 26.42 23.96 17.33
N GLN A 50 26.18 23.86 18.64
CA GLN A 50 26.74 24.83 19.59
C GLN A 50 28.27 24.66 19.63
N ASN A 51 28.74 23.42 19.56
CA ASN A 51 30.19 23.16 19.49
C ASN A 51 30.77 23.80 18.25
N ARG A 52 30.07 23.70 17.12
CA ARG A 52 30.59 24.38 15.93
C ARG A 52 30.62 25.90 16.12
N ARG A 53 29.59 26.48 16.72
CA ARG A 53 29.58 27.92 16.94
C ARG A 53 30.74 28.29 17.86
N GLY A 54 31.00 27.42 18.84
CA GLY A 54 32.11 27.63 19.75
C GLY A 54 33.46 27.64 19.04
N LEU A 55 33.67 26.66 18.15
CA LEU A 55 34.92 26.60 17.38
C LEU A 55 35.04 27.78 16.44
N ASP A 56 33.93 28.21 15.84
CA ASP A 56 33.94 29.38 14.97
C ASP A 56 34.23 30.64 15.74
N LEU A 57 33.80 30.72 16.99
CA LEU A 57 34.17 31.86 17.83
C LEU A 57 35.68 31.88 18.11
N LEU A 58 36.22 30.72 18.48
CA LEU A 58 37.64 30.60 18.87
C LEU A 58 38.55 30.89 17.68
N THR A 59 38.08 30.63 16.48
CA THR A 59 38.88 30.88 15.27
C THR A 59 38.29 31.99 14.41
N ALA A 60 37.62 32.94 15.04
CA ALA A 60 37.02 34.03 14.31
C ALA A 60 38.00 34.76 13.40
N GLU A 61 39.23 34.98 13.89
CA GLU A 61 40.23 35.71 13.11
C GLU A 61 40.70 34.92 11.90
N GLN A 62 40.56 33.59 11.97
CA GLN A 62 40.88 32.74 10.83
C GLN A 62 39.71 32.60 9.89
N GLY A 63 38.58 33.20 10.26
CA GLY A 63 37.39 33.09 9.43
C GLY A 63 36.51 31.91 9.78
N GLY A 64 36.72 31.35 10.96
CA GLY A 64 35.95 30.19 11.39
C GLY A 64 36.73 28.90 11.21
N ILE A 65 36.17 27.81 11.73
CA ILE A 65 36.92 26.55 11.88
C ILE A 65 37.19 25.86 10.56
N CYS A 66 36.26 25.97 9.62
CA CYS A 66 36.48 25.37 8.31
C CYS A 66 37.63 26.02 7.57
N LEU A 67 37.69 27.35 7.55
CA LEU A 67 38.81 28.00 6.90
C LEU A 67 40.13 27.73 7.63
N ALA A 68 40.09 27.74 8.96
CA ALA A 68 41.28 27.38 9.75
C ALA A 68 41.83 25.99 9.41
N LEU A 69 40.91 25.05 9.19
CA LEU A 69 41.26 23.67 8.78
C LEU A 69 41.62 23.52 7.32
N GLN A 70 41.38 24.57 6.52
CA GLN A 70 41.55 24.54 5.06
C GLN A 70 40.77 23.40 4.43
N GLU A 71 39.49 23.31 4.82
CA GLU A 71 38.64 22.20 4.44
C GLU A 71 37.29 22.71 3.94
N LYS A 72 36.71 21.92 3.04
CA LYS A 72 35.29 21.99 2.71
C LYS A 72 34.50 21.96 4.02
N CYS A 73 33.51 22.85 4.14
CA CYS A 73 32.82 22.99 5.43
C CYS A 73 31.59 22.11 5.47
N SER A 74 31.45 21.34 6.54
CA SER A 74 30.31 20.46 6.76
C SER A 74 29.22 21.13 7.57
N PHE A 75 27.99 21.02 7.06
CA PHE A 75 26.82 21.57 7.75
C PHE A 75 25.81 20.44 7.95
N TYR A 76 24.96 20.56 8.96
CA TYR A 76 23.99 19.51 9.31
C TYR A 76 22.68 19.63 8.54
N ALA A 77 22.23 18.50 8.02
CA ALA A 77 21.00 18.39 7.26
C ALA A 77 19.96 17.70 8.13
N ASN A 78 19.13 18.51 8.77
CA ASN A 78 18.09 18.05 9.69
C ASN A 78 16.86 17.52 8.96
N LYS A 79 16.32 16.41 9.44
CA LYS A 79 15.09 15.86 8.88
C LYS A 79 14.10 15.59 9.99
N SER A 80 14.23 16.29 11.12
CA SER A 80 13.37 15.99 12.28
C SER A 80 11.86 16.07 11.99
N GLY A 81 11.44 17.13 11.31
CA GLY A 81 10.03 17.30 10.98
C GLY A 81 9.49 16.22 10.09
N ILE A 82 10.27 15.82 9.07
CA ILE A 82 9.90 14.72 8.18
C ILE A 82 9.67 13.43 8.96
N VAL A 83 10.62 13.08 9.83
CA VAL A 83 10.49 11.87 10.62
C VAL A 83 9.32 11.92 11.61
N ARG A 84 9.18 13.03 12.31
CA ARG A 84 8.16 13.14 13.35
C ARG A 84 6.78 13.10 12.74
N ASP A 85 6.60 13.73 11.59
CA ASP A 85 5.31 13.69 10.88
C ASP A 85 4.95 12.29 10.45
N LYS A 86 5.93 11.59 9.90
CA LYS A 86 5.73 10.25 9.36
C LYS A 86 5.37 9.29 10.51
N ILE A 87 6.06 9.44 11.63
CA ILE A 87 5.79 8.60 12.80
C ILE A 87 4.39 8.90 13.38
N LYS A 88 4.07 10.18 13.54
CA LYS A 88 2.75 10.54 14.05
C LYS A 88 1.68 10.05 13.10
N ASN A 89 1.89 10.19 11.80
CA ASN A 89 0.87 9.73 10.86
C ASN A 89 0.70 8.23 10.91
N LEU A 90 1.80 7.52 11.12
CA LEU A 90 1.76 6.06 11.25
C LEU A 90 1.03 5.67 12.53
N GLN A 91 1.35 6.35 13.64
CA GLN A 91 0.68 6.03 14.90
C GLN A 91 -0.83 6.31 14.83
N ASP A 92 -1.21 7.37 14.13
CA ASP A 92 -2.63 7.69 13.97
C ASP A 92 -3.36 6.60 13.19
N ASP A 93 -2.68 6.05 12.18
CA ASP A 93 -3.24 4.94 11.42
C ASP A 93 -3.39 3.68 12.27
N LEU A 94 -2.40 3.39 13.13
CA LEU A 94 -2.53 2.25 14.04
C LEU A 94 -3.73 2.43 14.95
N GLU A 95 -3.96 3.65 15.42
CA GLU A 95 -5.14 3.92 16.27
C GLU A 95 -6.42 3.54 15.55
N ARG A 96 -6.52 3.92 14.28
CA ARG A 96 -7.73 3.61 13.48
C ARG A 96 -7.87 2.11 13.29
N ARG A 97 -6.75 1.44 13.04
CA ARG A 97 -6.74 0.00 12.80
C ARG A 97 -7.17 -0.78 14.03
N ARG A 98 -6.75 -0.32 15.21
CA ARG A 98 -7.20 -0.99 16.45
C ARG A 98 -8.71 -0.91 16.59
N ARG A 99 -9.24 0.26 16.31
CA ARG A 99 -10.69 0.50 16.37
C ARG A 99 -11.43 -0.42 15.43
N GLN A 100 -10.92 -0.58 14.21
CA GLN A 100 -11.63 -1.39 13.22
C GLN A 100 -11.57 -2.88 13.56
N LEU A 101 -10.58 -3.29 14.33
CA LEU A 101 -10.49 -4.68 14.76
C LEU A 101 -11.58 -5.01 15.79
N ILE A 102 -11.96 -4.03 16.61
CA ILE A 102 -13.08 -4.19 17.54
C ILE A 102 -14.39 -4.17 16.78
N ASP A 103 -14.51 -3.24 15.83
CA ASP A 103 -15.73 -3.07 15.04
C ASP A 103 -15.89 -4.18 14.02
N SER B 12 -44.44 -30.63 -26.68
CA SER B 12 -43.60 -31.39 -27.61
C SER B 12 -42.20 -31.54 -27.04
N ILE B 13 -41.50 -32.60 -27.46
CA ILE B 13 -40.08 -32.73 -27.12
C ILE B 13 -39.31 -31.63 -27.86
N THR B 14 -39.90 -31.14 -28.95
CA THR B 14 -39.31 -30.08 -29.75
C THR B 14 -39.24 -28.78 -28.96
N GLN B 15 -40.39 -28.37 -28.41
CA GLN B 15 -40.51 -27.22 -27.52
C GLN B 15 -39.46 -27.29 -26.45
N TYR B 16 -39.43 -28.44 -25.78
CA TYR B 16 -38.55 -28.63 -24.65
C TYR B 16 -37.07 -28.47 -24.98
N THR B 17 -36.60 -29.10 -26.06
CA THR B 17 -35.20 -28.94 -26.44
C THR B 17 -34.96 -27.53 -26.93
N LYS B 18 -36.00 -26.88 -27.44
CA LYS B 18 -35.85 -25.53 -27.96
C LYS B 18 -35.58 -24.56 -26.83
N LEU B 19 -36.36 -24.66 -25.76
CA LEU B 19 -36.16 -23.85 -24.58
C LEU B 19 -34.85 -24.25 -23.91
N SER B 20 -34.53 -25.54 -23.91
CA SER B 20 -33.24 -26.00 -23.40
C SER B 20 -32.13 -25.39 -24.21
N HIS B 21 -32.28 -25.38 -25.53
CA HIS B 21 -31.26 -24.75 -26.37
C HIS B 21 -31.11 -23.26 -26.12
N GLN B 22 -32.24 -22.58 -25.94
CA GLN B 22 -32.23 -21.16 -25.67
C GLN B 22 -31.57 -20.80 -24.34
N LEU B 23 -31.81 -21.61 -23.32
CA LEU B 23 -31.16 -21.42 -22.02
C LEU B 23 -29.63 -21.52 -22.17
N ILE B 24 -29.17 -22.59 -22.79
CA ILE B 24 -27.73 -22.74 -23.03
C ILE B 24 -27.15 -21.57 -23.80
N SER B 25 -27.82 -21.15 -24.88
CA SER B 25 -27.32 -20.02 -25.66
C SER B 25 -27.25 -18.73 -24.86
N ASP B 26 -28.29 -18.45 -24.07
CA ASP B 26 -28.29 -17.24 -23.26
C ASP B 26 -27.18 -17.24 -22.23
N VAL B 27 -27.03 -18.37 -21.53
CA VAL B 27 -26.01 -18.52 -20.50
C VAL B 27 -24.61 -18.44 -21.09
N GLN B 28 -24.42 -19.04 -22.26
CA GLN B 28 -23.16 -18.88 -22.97
C GLN B 28 -22.86 -17.41 -23.29
N ALA B 29 -23.83 -16.70 -23.84
CA ALA B 29 -23.63 -15.29 -24.17
C ALA B 29 -23.34 -14.47 -22.93
N ILE B 30 -24.10 -14.71 -21.86
CA ILE B 30 -23.86 -14.03 -20.60
C ILE B 30 -22.46 -14.31 -20.04
N SER B 31 -22.07 -15.58 -20.08
CA SER B 31 -20.76 -15.98 -19.57
C SER B 31 -19.61 -15.29 -20.32
N SER B 32 -19.73 -15.14 -21.63
CA SER B 32 -18.68 -14.41 -22.35
C SER B 32 -18.61 -12.94 -21.93
N THR B 33 -19.75 -12.37 -21.55
CA THR B 33 -19.80 -10.94 -21.24
C THR B 33 -19.21 -10.75 -19.85
N ILE B 34 -19.47 -11.70 -18.96
CA ILE B 34 -18.80 -11.73 -17.66
C ILE B 34 -17.30 -11.83 -17.82
N GLN B 35 -16.84 -12.68 -18.74
CA GLN B 35 -15.41 -12.80 -18.99
C GLN B 35 -14.84 -11.46 -19.44
N ASP B 36 -15.58 -10.77 -20.32
CA ASP B 36 -15.16 -9.46 -20.80
C ASP B 36 -15.00 -8.47 -19.65
N LEU B 37 -15.92 -8.53 -18.71
CA LEU B 37 -15.85 -7.62 -17.58
C LEU B 37 -14.64 -7.93 -16.71
N GLN B 38 -14.37 -9.21 -16.48
CA GLN B 38 -13.20 -9.58 -15.67
C GLN B 38 -11.91 -9.21 -16.41
N ASP B 39 -11.93 -9.32 -17.74
CA ASP B 39 -10.77 -8.93 -18.57
C ASP B 39 -10.46 -7.44 -18.35
N GLN B 40 -11.50 -6.62 -18.33
CA GLN B 40 -11.33 -5.17 -18.19
C GLN B 40 -10.92 -4.79 -16.77
N VAL B 41 -11.49 -5.49 -15.80
CA VAL B 41 -11.17 -5.24 -14.40
C VAL B 41 -9.71 -5.58 -14.17
N ASP B 42 -9.25 -6.69 -14.72
CA ASP B 42 -7.86 -7.13 -14.55
C ASP B 42 -6.92 -6.11 -15.19
N SER B 43 -7.30 -5.61 -16.38
CA SER B 43 -6.45 -4.74 -17.16
C SER B 43 -6.39 -3.41 -16.40
N LEU B 44 -7.55 -2.94 -15.95
CA LEU B 44 -7.62 -1.66 -15.27
C LEU B 44 -6.87 -1.75 -13.95
N ALA B 45 -7.01 -2.90 -13.26
CA ALA B 45 -6.36 -3.06 -11.96
C ALA B 45 -4.84 -2.96 -12.06
N GLU B 46 -4.23 -3.48 -13.13
CA GLU B 46 -2.78 -3.34 -13.33
C GLU B 46 -2.38 -1.88 -13.45
N VAL B 47 -3.15 -1.10 -14.20
CA VAL B 47 -2.88 0.33 -14.30
C VAL B 47 -3.02 1.05 -12.93
N VAL B 48 -4.07 0.70 -12.19
CA VAL B 48 -4.34 1.35 -10.91
C VAL B 48 -3.26 1.03 -9.89
N LEU B 49 -2.85 -0.23 -9.81
CA LEU B 49 -1.83 -0.58 -8.81
C LEU B 49 -0.48 0.00 -9.21
N GLN B 50 -0.21 0.14 -10.51
CA GLN B 50 1.01 0.84 -10.91
C GLN B 50 0.92 2.32 -10.53
N ASN B 51 -0.26 2.91 -10.69
CA ASN B 51 -0.49 4.28 -10.25
C ASN B 51 -0.26 4.41 -8.75
N ARG B 52 -0.73 3.44 -7.96
CA ARG B 52 -0.41 3.48 -6.54
C ARG B 52 1.11 3.40 -6.24
N ARG B 53 1.84 2.54 -6.95
CA ARG B 53 3.28 2.44 -6.74
C ARG B 53 3.92 3.76 -7.11
N GLY B 54 3.39 4.39 -8.16
CA GLY B 54 3.90 5.68 -8.60
C GLY B 54 3.72 6.75 -7.54
N LEU B 55 2.54 6.80 -6.93
CA LEU B 55 2.26 7.78 -5.87
C LEU B 55 3.11 7.50 -4.63
N ASP B 56 3.32 6.23 -4.32
CA ASP B 56 4.13 5.84 -3.18
C ASP B 56 5.58 6.21 -3.41
N LEU B 57 6.03 6.15 -4.67
CA LEU B 57 7.38 6.61 -4.99
C LEU B 57 7.52 8.12 -4.78
N LEU B 58 6.55 8.88 -5.29
CA LEU B 58 6.60 10.34 -5.26
C LEU B 58 6.53 10.83 -3.81
N THR B 59 5.89 10.04 -2.95
CA THR B 59 5.78 10.42 -1.54
C THR B 59 6.54 9.51 -0.62
N ALA B 60 7.64 8.94 -1.12
CA ALA B 60 8.46 8.04 -0.33
C ALA B 60 8.88 8.65 1.00
N GLU B 61 9.25 9.93 0.99
CA GLU B 61 9.74 10.58 2.21
C GLU B 61 8.63 10.75 3.23
N GLN B 62 7.39 10.83 2.76
CA GLN B 62 6.23 10.89 3.66
C GLN B 62 5.79 9.52 4.12
N GLY B 63 6.44 8.47 3.63
CA GLY B 63 6.03 7.12 3.99
C GLY B 63 4.99 6.53 3.04
N GLY B 64 4.84 7.13 1.87
CA GLY B 64 3.85 6.65 0.90
C GLY B 64 2.59 7.50 0.92
N ILE B 65 1.71 7.24 -0.02
CA ILE B 65 0.58 8.15 -0.30
C ILE B 65 -0.47 8.10 0.79
N CYS B 66 -0.67 6.93 1.39
CA CYS B 66 -1.65 6.82 2.48
C CYS B 66 -1.25 7.62 3.69
N LEU B 67 0.02 7.55 4.10
CA LEU B 67 0.46 8.35 5.23
C LEU B 67 0.47 9.83 4.88
N ALA B 68 0.88 10.17 3.66
CA ALA B 68 0.83 11.57 3.22
C ALA B 68 -0.59 12.16 3.30
N LEU B 69 -1.57 11.34 2.95
CA LEU B 69 -2.99 11.74 3.02
C LEU B 69 -3.58 11.67 4.42
N GLN B 70 -2.82 11.09 5.36
CA GLN B 70 -3.31 10.86 6.73
C GLN B 70 -4.61 10.05 6.75
N GLU B 71 -4.61 8.96 5.98
CA GLU B 71 -5.79 8.15 5.74
C GLU B 71 -5.51 6.67 5.95
N LYS B 72 -6.56 5.95 6.35
CA LYS B 72 -6.59 4.51 6.22
C LYS B 72 -6.22 4.14 4.79
N CYS B 73 -5.35 3.14 4.62
CA CYS B 73 -4.86 2.81 3.29
C CYS B 73 -5.72 1.74 2.63
N SER B 74 -6.14 2.00 1.40
CA SER B 74 -6.95 1.07 0.59
C SER B 74 -6.08 0.20 -0.30
N PHE B 75 -6.36 -1.11 -0.26
CA PHE B 75 -5.66 -2.10 -1.09
C PHE B 75 -6.70 -2.86 -1.90
N TYR B 76 -6.30 -3.40 -3.05
CA TYR B 76 -7.23 -4.08 -3.95
C TYR B 76 -7.36 -5.55 -3.61
N ALA B 77 -8.62 -6.01 -3.58
CA ALA B 77 -8.94 -7.40 -3.32
C ALA B 77 -9.36 -8.05 -4.63
N ASN B 78 -8.42 -8.76 -5.24
CA ASN B 78 -8.62 -9.43 -6.53
C ASN B 78 -9.39 -10.72 -6.39
N LYS B 79 -10.32 -10.97 -7.30
CA LYS B 79 -11.04 -12.24 -7.34
C LYS B 79 -10.99 -12.84 -8.73
N SER B 80 -9.98 -12.46 -9.53
CA SER B 80 -9.92 -12.93 -10.92
C SER B 80 -9.95 -14.46 -11.07
N GLY B 81 -9.17 -15.18 -10.26
CA GLY B 81 -9.12 -16.63 -10.37
C GLY B 81 -10.46 -17.27 -10.05
N ILE B 82 -11.13 -16.77 -9.00
CA ILE B 82 -12.46 -17.23 -8.62
C ILE B 82 -13.46 -17.08 -9.77
N VAL B 83 -13.47 -15.91 -10.39
CA VAL B 83 -14.41 -15.65 -11.47
C VAL B 83 -14.09 -16.48 -12.71
N ARG B 84 -12.81 -16.52 -13.08
CA ARG B 84 -12.40 -17.22 -14.27
C ARG B 84 -12.67 -18.71 -14.17
N ASP B 85 -12.43 -19.29 -13.00
CA ASP B 85 -12.72 -20.71 -12.78
C ASP B 85 -14.19 -21.01 -12.90
N LYS B 86 -15.00 -20.15 -12.30
CA LYS B 86 -16.45 -20.37 -12.25
C LYS B 86 -17.01 -20.31 -13.68
N ILE B 87 -16.53 -19.34 -14.44
CA ILE B 87 -16.99 -19.16 -15.82
C ILE B 87 -16.55 -20.34 -16.71
N LYS B 88 -15.29 -20.76 -16.57
CA LYS B 88 -14.81 -21.90 -17.34
C LYS B 88 -15.60 -23.13 -16.96
N ASN B 89 -15.87 -23.32 -15.67
CA ASN B 89 -16.60 -24.50 -15.25
C ASN B 89 -18.03 -24.47 -15.78
N LEU B 90 -18.61 -23.29 -15.82
CA LEU B 90 -19.96 -23.14 -16.37
C LEU B 90 -19.95 -23.40 -17.87
N GLN B 91 -18.96 -22.85 -18.59
CA GLN B 91 -18.89 -23.08 -20.02
C GLN B 91 -18.67 -24.57 -20.35
N ASP B 92 -17.90 -25.27 -19.53
CA ASP B 92 -17.67 -26.70 -19.75
C ASP B 92 -18.98 -27.48 -19.59
N ASP B 93 -19.79 -27.07 -18.61
CA ASP B 93 -21.06 -27.71 -18.41
C ASP B 93 -22.00 -27.46 -19.59
N LEU B 94 -21.97 -26.24 -20.15
CA LEU B 94 -22.79 -25.96 -21.33
C LEU B 94 -22.38 -26.88 -22.48
N GLU B 95 -21.08 -27.13 -22.62
CA GLU B 95 -20.60 -28.01 -23.68
C GLU B 95 -21.22 -29.39 -23.52
N ARG B 96 -21.22 -29.92 -22.30
CA ARG B 96 -21.82 -31.22 -22.03
C ARG B 96 -23.33 -31.23 -22.33
N ARG B 97 -24.01 -30.17 -21.92
CA ARG B 97 -25.45 -30.05 -22.13
C ARG B 97 -25.81 -30.03 -23.60
N ARG B 98 -25.03 -29.32 -24.41
CA ARG B 98 -25.29 -29.32 -25.86
C ARG B 98 -25.21 -30.71 -26.43
N ARG B 99 -24.19 -31.45 -26.00
CA ARG B 99 -23.99 -32.81 -26.48
C ARG B 99 -25.13 -33.73 -26.07
N GLN B 100 -25.67 -33.53 -24.87
CA GLN B 100 -26.75 -34.41 -24.42
C GLN B 100 -28.08 -34.11 -25.12
N LEU B 101 -28.23 -32.88 -25.61
CA LEU B 101 -29.43 -32.52 -26.38
C LEU B 101 -29.45 -33.22 -27.73
N ILE B 102 -28.26 -33.46 -28.28
CA ILE B 102 -28.11 -34.23 -29.51
C ILE B 102 -28.36 -35.73 -29.27
N ASP B 103 -27.83 -36.25 -28.16
CA ASP B 103 -27.87 -37.68 -27.85
C ASP B 103 -29.19 -38.11 -27.22
CL CL C . 30.77 18.02 18.17
CL CL D . -3.12 -4.54 10.68
CL CL E . -5.76 5.08 -10.33
#